data_2OYO
#
_entry.id   2OYO
#
_cell.length_a   135.649
_cell.length_b   135.649
_cell.length_c   118.084
_cell.angle_alpha   90.000
_cell.angle_beta   90.000
_cell.angle_gamma   120.000
#
_symmetry.space_group_name_H-M   'H 3 2'
#
loop_
_entity.id
_entity.type
_entity.pdbx_description
1 polymer 'Uncharacterized peroxidase-related protein'
2 non-polymer (4S)-2-METHYL-2,4-PENTANEDIOL
3 water water
#
_entity_poly.entity_id   1
_entity_poly.type   'polypeptide(L)'
_entity_poly.pdbx_seq_one_letter_code
;G(MSE)TTTQPEAKDRISSLPVPDATQVPEGVRKLWAKAEANIGFVPNVFRAQAVNGEQFLAWWNYFNLLLNKEGYLTNA
ERELVAVVVSGVNRCLYCAVSHGAALREFLGDPQKADAVAVNWRHADLTEREQALAAYAEKLTRHPAEVTAADLEPLRAV
GLDDHQI(MSE)ELVQVIG(MSE)FNLTNRVSSALGFVPNPEYYRQAR
;
_entity_poly.pdbx_strand_id   A,B
#
loop_
_chem_comp.id
_chem_comp.type
_chem_comp.name
_chem_comp.formula
MPD non-polymer (4S)-2-METHYL-2,4-PENTANEDIOL 'C6 H14 O2'
#
# COMPACT_ATOMS: atom_id res chain seq x y z
N ASP A 11 -21.82 16.97 -8.93
CA ASP A 11 -20.33 17.06 -8.76
C ASP A 11 -19.77 15.72 -8.24
N ARG A 12 -19.26 14.87 -9.14
CA ARG A 12 -18.85 13.50 -8.80
C ARG A 12 -17.57 13.53 -7.95
N ILE A 13 -17.48 12.63 -6.99
CA ILE A 13 -16.28 12.50 -6.17
C ILE A 13 -15.58 11.15 -6.37
N SER A 14 -16.10 10.33 -7.27
CA SER A 14 -15.58 8.99 -7.47
C SER A 14 -16.06 8.43 -8.80
N SER A 15 -15.29 7.50 -9.37
CA SER A 15 -15.75 6.77 -10.56
C SER A 15 -16.70 5.63 -10.21
N LEU A 16 -16.77 5.26 -8.93
CA LEU A 16 -17.77 4.26 -8.49
C LEU A 16 -18.88 4.93 -7.69
N PRO A 17 -20.05 4.28 -7.58
CA PRO A 17 -21.09 4.81 -6.67
C PRO A 17 -20.54 5.02 -5.26
N VAL A 18 -21.07 6.03 -4.57
CA VAL A 18 -20.63 6.38 -3.23
C VAL A 18 -21.73 5.96 -2.26
N PRO A 19 -21.42 5.08 -1.29
CA PRO A 19 -22.47 4.63 -0.38
C PRO A 19 -22.95 5.73 0.53
N ASP A 20 -24.25 5.70 0.77
CA ASP A 20 -24.88 6.62 1.71
C ASP A 20 -24.80 6.04 3.13
N ALA A 21 -25.34 6.81 4.09
CA ALA A 21 -25.25 6.48 5.50
C ALA A 21 -25.88 5.13 5.77
N THR A 22 -26.89 4.76 5.01
CA THR A 22 -27.55 3.47 5.22
C THR A 22 -26.74 2.29 4.70
N GLN A 23 -25.65 2.54 3.97
CA GLN A 23 -24.91 1.49 3.30
C GLN A 23 -23.52 1.34 3.81
N VAL A 24 -23.22 1.93 4.97
CA VAL A 24 -21.89 1.84 5.55
C VAL A 24 -22.00 1.39 7.01
N PRO A 25 -20.96 0.73 7.52
CA PRO A 25 -21.00 0.32 8.89
C PRO A 25 -20.85 1.47 9.89
N GLU A 26 -21.12 1.16 11.17
CA GLU A 26 -21.13 2.15 12.22
C GLU A 26 -19.85 2.92 12.29
N GLY A 27 -18.72 2.22 12.16
CA GLY A 27 -17.42 2.84 12.26
C GLY A 27 -17.21 3.93 11.23
N VAL A 28 -17.76 3.75 10.05
CA VAL A 28 -17.61 4.74 9.00
C VAL A 28 -18.46 5.97 9.33
N ARG A 29 -19.73 5.76 9.70
CA ARG A 29 -20.58 6.87 10.15
C ARG A 29 -20.02 7.67 11.31
N LYS A 30 -19.39 6.97 12.27
CA LYS A 30 -18.70 7.62 13.41
C LYS A 30 -17.52 8.46 12.96
N LEU A 31 -16.73 7.94 12.01
CA LEU A 31 -15.65 8.72 11.40
C LEU A 31 -16.15 9.96 10.68
N TRP A 32 -17.24 9.85 9.93
CA TRP A 32 -17.85 10.99 9.27
C TRP A 32 -18.20 12.08 10.29
N ALA A 33 -18.94 11.68 11.31
CA ALA A 33 -19.32 12.58 12.43
C ALA A 33 -18.13 13.24 13.12
N LYS A 34 -17.11 12.46 13.39
CA LYS A 34 -15.95 12.97 14.04
C LYS A 34 -15.29 14.01 13.14
N ALA A 35 -15.12 13.71 11.86
CA ALA A 35 -14.47 14.66 10.95
C ALA A 35 -15.25 15.98 10.86
N GLU A 36 -16.55 15.88 10.62
CA GLU A 36 -17.43 17.03 10.56
C GLU A 36 -17.29 17.92 11.80
N ALA A 37 -17.29 17.32 12.98
CA ALA A 37 -17.25 18.09 14.24
C ALA A 37 -15.90 18.77 14.44
N ASN A 38 -14.84 18.09 14.06
CA ASN A 38 -13.52 18.59 14.35
C ASN A 38 -12.91 19.44 13.26
N ILE A 39 -13.12 19.08 11.98
CA ILE A 39 -12.55 19.87 10.86
C ILE A 39 -13.56 20.59 10.01
N GLY A 40 -14.83 20.34 10.23
CA GLY A 40 -15.85 21.08 9.53
C GLY A 40 -16.27 20.53 8.21
N PHE A 41 -15.71 19.38 7.82
CA PHE A 41 -16.18 18.70 6.62
C PHE A 41 -15.79 17.23 6.75
N VAL A 42 -16.36 16.42 5.87
CA VAL A 42 -16.05 15.00 5.77
C VAL A 42 -15.15 14.75 4.55
N PRO A 43 -13.90 14.35 4.79
CA PRO A 43 -13.01 13.98 3.70
C PRO A 43 -13.66 13.02 2.74
N ASN A 44 -13.62 13.36 1.45
CA ASN A 44 -14.35 12.57 0.44
C ASN A 44 -13.90 11.09 0.38
N VAL A 45 -12.64 10.83 0.69
CA VAL A 45 -12.11 9.45 0.71
C VAL A 45 -12.91 8.60 1.71
N PHE A 46 -13.36 9.22 2.81
CA PHE A 46 -14.13 8.48 3.82
C PHE A 46 -15.49 8.02 3.32
N ARG A 47 -15.98 8.64 2.27
CA ARG A 47 -17.23 8.25 1.61
C ARG A 47 -16.91 7.35 0.39
N ALA A 48 -16.06 7.84 -0.52
CA ALA A 48 -15.80 7.13 -1.80
C ALA A 48 -15.13 5.79 -1.57
N GLN A 49 -14.24 5.70 -0.60
CA GLN A 49 -13.53 4.43 -0.37
C GLN A 49 -14.29 3.50 0.60
N ALA A 50 -15.48 3.93 1.03
CA ALA A 50 -16.31 3.11 1.93
C ALA A 50 -17.14 2.03 1.20
N VAL A 51 -16.99 1.90 -0.10
CA VAL A 51 -17.73 0.91 -0.89
C VAL A 51 -17.65 -0.49 -0.29
N ASN A 52 -16.45 -0.90 0.09
CA ASN A 52 -16.23 -2.14 0.87
C ASN A 52 -15.94 -1.74 2.32
N GLY A 53 -16.98 -1.74 3.14
CA GLY A 53 -16.92 -1.17 4.51
C GLY A 53 -15.88 -1.73 5.45
N GLU A 54 -15.81 -3.04 5.57
CA GLU A 54 -14.84 -3.61 6.49
C GLU A 54 -13.45 -3.42 6.00
N GLN A 55 -13.23 -3.57 4.70
CA GLN A 55 -11.91 -3.31 4.14
C GLN A 55 -11.50 -1.87 4.39
N PHE A 56 -12.43 -0.94 4.16
CA PHE A 56 -12.18 0.46 4.49
C PHE A 56 -11.75 0.69 5.95
N LEU A 57 -12.50 0.09 6.88
CA LEU A 57 -12.18 0.25 8.28
C LEU A 57 -10.82 -0.31 8.65
N ALA A 58 -10.44 -1.42 8.02
CA ALA A 58 -9.11 -2.00 8.24
C ALA A 58 -8.03 -1.10 7.65
N TRP A 59 -8.28 -0.56 6.46
CA TRP A 59 -7.34 0.37 5.84
C TRP A 59 -7.15 1.60 6.74
N TRP A 60 -8.25 2.20 7.16
CA TRP A 60 -8.19 3.40 8.03
C TRP A 60 -7.45 3.12 9.32
N ASN A 61 -7.72 1.98 9.94
CA ASN A 61 -7.05 1.64 11.17
C ASN A 61 -5.54 1.72 10.99
N TYR A 62 -5.02 1.15 9.91
CA TYR A 62 -3.57 1.15 9.66
C TYR A 62 -3.09 2.54 9.23
N PHE A 63 -3.75 3.12 8.22
CA PHE A 63 -3.39 4.46 7.78
C PHE A 63 -3.33 5.53 8.96
N ASN A 64 -4.36 5.52 9.79
CA ASN A 64 -4.44 6.46 10.89
C ASN A 64 -3.29 6.24 11.87
N LEU A 65 -2.96 4.99 12.15
CA LEU A 65 -1.84 4.73 13.06
C LEU A 65 -0.51 5.22 12.51
N LEU A 66 -0.29 4.96 11.23
CA LEU A 66 0.96 5.19 10.57
C LEU A 66 1.21 6.68 10.28
N LEU A 67 0.15 7.40 9.90
CA LEU A 67 0.24 8.78 9.49
C LEU A 67 -0.11 9.80 10.55
N ASN A 68 -1.10 9.49 11.39
CA ASN A 68 -1.71 10.50 12.26
C ASN A 68 -1.36 10.29 13.75
N LYS A 69 -1.10 9.07 14.18
CA LYS A 69 -0.87 8.80 15.59
C LYS A 69 0.60 8.77 15.87
N GLU A 70 0.98 8.89 17.12
CA GLU A 70 2.39 8.95 17.40
C GLU A 70 3.16 7.71 16.96
N GLY A 71 4.36 7.96 16.45
CA GLY A 71 5.26 6.90 16.01
C GLY A 71 6.67 7.37 16.06
N TYR A 72 7.44 7.15 15.00
CA TYR A 72 8.86 7.38 15.06
C TYR A 72 9.34 8.57 14.20
N LEU A 73 8.53 8.97 13.23
CA LEU A 73 8.73 10.16 12.41
C LEU A 73 7.69 11.19 12.82
N THR A 74 8.05 12.47 12.62
CA THR A 74 7.13 13.57 12.95
C THR A 74 6.10 13.70 11.87
N ASN A 75 5.00 14.38 12.15
CA ASN A 75 4.03 14.60 11.12
C ASN A 75 4.63 15.39 9.97
N ALA A 76 5.53 16.35 10.21
CA ALA A 76 6.18 17.07 9.12
C ALA A 76 6.95 16.13 8.16
N GLU A 77 7.69 15.20 8.75
CA GLU A 77 8.49 14.24 8.00
C GLU A 77 7.59 13.34 7.22
N ARG A 78 6.55 12.87 7.86
CA ARG A 78 5.61 11.99 7.17
C ARG A 78 4.90 12.64 6.00
N GLU A 79 4.45 13.88 6.19
CA GLU A 79 3.73 14.58 5.14
C GLU A 79 4.65 15.03 3.98
N LEU A 80 5.92 15.27 4.30
CA LEU A 80 6.93 15.51 3.29
C LEU A 80 7.00 14.33 2.32
N VAL A 81 7.07 13.11 2.87
CA VAL A 81 7.11 11.87 2.10
C VAL A 81 5.85 11.74 1.30
N ALA A 82 4.72 11.97 1.94
CA ALA A 82 3.41 11.89 1.27
C ALA A 82 3.33 12.77 0.03
N VAL A 83 3.83 14.01 0.17
CA VAL A 83 3.78 15.01 -0.88
C VAL A 83 4.74 14.60 -2.03
N VAL A 84 5.94 14.13 -1.69
CA VAL A 84 6.89 13.66 -2.70
C VAL A 84 6.32 12.48 -3.50
N VAL A 85 5.84 11.46 -2.81
CA VAL A 85 5.32 10.26 -3.48
C VAL A 85 4.13 10.63 -4.33
N SER A 86 3.22 11.38 -3.75
CA SER A 86 1.99 11.73 -4.46
C SER A 86 2.28 12.63 -5.66
N GLY A 87 3.30 13.49 -5.56
CA GLY A 87 3.74 14.31 -6.70
C GLY A 87 4.34 13.47 -7.80
N VAL A 88 5.23 12.54 -7.46
CA VAL A 88 5.80 11.62 -8.49
C VAL A 88 4.70 10.83 -9.23
N ASN A 89 3.75 10.29 -8.48
CA ASN A 89 2.67 9.52 -9.05
C ASN A 89 1.54 10.35 -9.63
N ARG A 90 1.59 11.67 -9.43
CA ARG A 90 0.58 12.63 -9.93
C ARG A 90 -0.81 12.19 -9.52
N CYS A 91 -0.97 11.89 -8.23
CA CYS A 91 -2.29 11.55 -7.67
C CYS A 91 -2.98 12.80 -7.14
N LEU A 92 -4.12 13.17 -7.71
CA LEU A 92 -4.72 14.42 -7.28
C LEU A 92 -5.22 14.42 -5.87
N TYR A 93 -6.00 13.41 -5.50
CA TYR A 93 -6.57 13.38 -4.16
C TYR A 93 -5.50 13.53 -3.12
N CYS A 94 -4.48 12.70 -3.21
CA CYS A 94 -3.39 12.65 -2.22
C CYS A 94 -2.48 13.88 -2.24
N ALA A 95 -2.11 14.39 -3.42
CA ALA A 95 -1.36 15.63 -3.52
C ALA A 95 -2.05 16.81 -2.83
N VAL A 96 -3.32 16.98 -3.09
CA VAL A 96 -4.06 18.12 -2.61
C VAL A 96 -4.23 18.00 -1.08
N SER A 97 -4.65 16.83 -0.60
CA SER A 97 -4.97 16.68 0.81
C SER A 97 -3.72 16.66 1.67
N HIS A 98 -2.67 15.96 1.24
CA HIS A 98 -1.39 15.94 2.00
C HIS A 98 -0.60 17.20 1.80
N GLY A 99 -0.84 17.91 0.69
CA GLY A 99 -0.28 19.25 0.55
C GLY A 99 -0.81 20.17 1.66
N ALA A 100 -2.12 20.16 1.90
CA ALA A 100 -2.70 20.93 3.02
C ALA A 100 -2.06 20.55 4.35
N ALA A 101 -1.87 19.26 4.58
CA ALA A 101 -1.24 18.78 5.81
C ALA A 101 0.21 19.28 5.96
N LEU A 102 0.98 19.16 4.88
CA LEU A 102 2.37 19.63 4.90
C LEU A 102 2.46 21.14 5.14
N ARG A 103 1.59 21.94 4.51
CA ARG A 103 1.60 23.38 4.72
C ARG A 103 1.36 23.67 6.21
N GLU A 104 0.41 22.96 6.79
CA GLU A 104 0.09 23.08 8.23
C GLU A 104 1.24 22.70 9.11
N PHE A 105 1.82 21.55 8.89
CA PHE A 105 2.93 21.10 9.75
C PHE A 105 4.23 21.79 9.57
N LEU A 106 4.55 22.28 8.38
CA LEU A 106 5.75 23.10 8.18
C LEU A 106 5.54 24.55 8.61
N GLY A 107 4.30 25.00 8.64
CA GLY A 107 3.97 26.43 8.80
C GLY A 107 4.57 27.30 7.69
N ASP A 108 4.78 26.72 6.50
CA ASP A 108 5.47 27.38 5.41
C ASP A 108 4.86 26.84 4.13
N PRO A 109 3.79 27.49 3.66
CA PRO A 109 3.06 27.16 2.46
C PRO A 109 3.93 27.14 1.22
N GLN A 110 4.86 28.08 1.09
CA GLN A 110 5.64 28.08 -0.13
C GLN A 110 6.61 26.90 -0.20
N LYS A 111 7.24 26.53 0.92
CA LYS A 111 8.09 25.32 0.95
C LYS A 111 7.30 24.07 0.56
N ALA A 112 6.08 23.95 1.10
CA ALA A 112 5.25 22.80 0.82
C ALA A 112 4.89 22.74 -0.66
N ASP A 113 4.51 23.89 -1.22
CA ASP A 113 4.22 23.98 -2.64
C ASP A 113 5.43 23.61 -3.48
N ALA A 114 6.61 24.02 -3.07
CA ALA A 114 7.83 23.73 -3.81
C ALA A 114 8.15 22.24 -3.77
N VAL A 115 7.96 21.61 -2.62
CA VAL A 115 8.10 20.15 -2.53
C VAL A 115 7.15 19.40 -3.43
N ALA A 116 5.92 19.90 -3.55
CA ALA A 116 4.96 19.30 -4.45
C ALA A 116 5.45 19.28 -5.89
N VAL A 117 6.23 20.27 -6.30
CA VAL A 117 6.75 20.32 -7.67
C VAL A 117 8.00 19.48 -7.80
N ASN A 118 9.03 19.82 -7.04
CA ASN A 118 10.31 19.12 -7.10
C ASN A 118 11.16 19.39 -5.86
N TRP A 119 11.30 18.39 -4.97
CA TRP A 119 12.02 18.55 -3.72
C TRP A 119 13.47 19.04 -3.92
N ARG A 120 14.07 18.73 -5.06
CA ARG A 120 15.45 19.12 -5.35
C ARG A 120 15.58 20.63 -5.36
N HIS A 121 14.49 21.31 -5.62
CA HIS A 121 14.50 22.76 -5.74
C HIS A 121 13.87 23.50 -4.58
N ALA A 122 13.52 22.78 -3.52
CA ALA A 122 12.77 23.32 -2.39
C ALA A 122 13.64 23.77 -1.20
N ASP A 123 14.95 23.69 -1.32
CA ASP A 123 15.82 24.16 -0.19
C ASP A 123 15.55 23.45 1.14
N LEU A 124 15.65 22.12 1.12
CA LEU A 124 15.32 21.29 2.25
C LEU A 124 16.60 21.09 3.08
N THR A 125 16.43 20.67 4.32
CA THR A 125 17.57 20.23 5.14
C THR A 125 18.18 18.95 4.54
N GLU A 126 19.37 18.61 5.00
CA GLU A 126 20.05 17.39 4.59
C GLU A 126 19.19 16.16 4.88
N ARG A 127 18.58 16.14 6.05
CA ARG A 127 17.71 15.04 6.44
C ARG A 127 16.51 14.99 5.53
N GLU A 128 15.89 16.14 5.31
CA GLU A 128 14.72 16.19 4.46
C GLU A 128 15.02 15.74 3.04
N GLN A 129 16.13 16.21 2.52
CA GLN A 129 16.62 15.75 1.22
C GLN A 129 16.82 14.22 1.14
N ALA A 130 17.44 13.64 2.17
CA ALA A 130 17.63 12.17 2.26
C ALA A 130 16.27 11.44 2.22
N LEU A 131 15.30 11.92 3.00
CA LEU A 131 13.93 11.34 2.99
C LEU A 131 13.22 11.46 1.60
N ALA A 132 13.25 12.66 1.02
CA ALA A 132 12.62 12.92 -0.27
C ALA A 132 13.28 12.06 -1.35
N ALA A 133 14.61 12.04 -1.41
CA ALA A 133 15.34 11.27 -2.42
C ALA A 133 14.95 9.78 -2.29
N TYR A 134 14.89 9.27 -1.06
CA TYR A 134 14.66 7.84 -0.90
C TYR A 134 13.21 7.55 -1.25
N ALA A 135 12.28 8.44 -0.87
CA ALA A 135 10.86 8.28 -1.23
C ALA A 135 10.70 8.19 -2.74
N GLU A 136 11.35 9.08 -3.46
CA GLU A 136 11.23 9.11 -4.91
C GLU A 136 11.84 7.86 -5.54
N LYS A 137 13.00 7.42 -5.07
CA LYS A 137 13.65 6.22 -5.59
C LYS A 137 12.81 4.94 -5.40
N LEU A 138 12.25 4.76 -4.20
CA LEU A 138 11.48 3.56 -3.88
C LEU A 138 10.15 3.60 -4.62
N THR A 139 9.66 4.81 -4.94
CA THR A 139 8.41 4.99 -5.69
C THR A 139 8.64 4.64 -7.15
N ARG A 140 9.71 5.16 -7.74
CA ARG A 140 9.99 5.00 -9.17
C ARG A 140 10.69 3.70 -9.55
N HIS A 141 11.61 3.25 -8.71
CA HIS A 141 12.52 2.15 -9.02
C HIS A 141 12.59 1.10 -7.91
N PRO A 142 11.44 0.51 -7.54
CA PRO A 142 11.42 -0.47 -6.47
C PRO A 142 12.33 -1.69 -6.72
N ALA A 143 12.50 -2.08 -7.99
CA ALA A 143 13.39 -3.22 -8.35
C ALA A 143 14.88 -2.94 -8.10
N GLU A 144 15.22 -1.65 -7.90
CA GLU A 144 16.62 -1.22 -7.86
C GLU A 144 17.15 -0.84 -6.50
N VAL A 145 16.27 -0.68 -5.52
CA VAL A 145 16.73 -0.34 -4.18
C VAL A 145 17.44 -1.53 -3.56
N THR A 146 18.43 -1.25 -2.73
CA THR A 146 19.21 -2.28 -2.07
C THR A 146 19.55 -1.80 -0.68
N ALA A 147 20.28 -2.65 0.07
CA ALA A 147 20.67 -2.29 1.43
C ALA A 147 21.56 -1.06 1.47
N ALA A 148 22.30 -0.84 0.40
CA ALA A 148 23.13 0.34 0.29
C ALA A 148 22.34 1.64 0.42
N ASP A 149 21.10 1.65 -0.07
CA ASP A 149 20.27 2.84 0.03
C ASP A 149 19.84 3.23 1.46
N LEU A 150 20.00 2.31 2.41
CA LEU A 150 19.67 2.56 3.81
C LEU A 150 20.78 3.34 4.48
N GLU A 151 21.96 3.31 3.89
CA GLU A 151 23.10 3.95 4.54
C GLU A 151 22.98 5.48 4.67
N PRO A 152 22.51 6.18 3.61
CA PRO A 152 22.24 7.62 3.69
C PRO A 152 21.20 7.99 4.71
N LEU A 153 20.20 7.11 4.91
CA LEU A 153 19.19 7.33 5.90
C LEU A 153 19.76 7.27 7.32
N ARG A 154 20.61 6.28 7.58
CA ARG A 154 21.29 6.20 8.86
C ARG A 154 22.20 7.40 9.06
N ALA A 155 22.85 7.87 8.00
CA ALA A 155 23.78 9.00 8.12
C ALA A 155 23.10 10.35 8.45
N VAL A 156 21.80 10.48 8.21
CA VAL A 156 21.07 11.67 8.67
C VAL A 156 20.27 11.36 9.93
N GLY A 157 20.63 10.25 10.56
CA GLY A 157 20.15 9.94 11.90
C GLY A 157 18.93 9.08 12.08
N LEU A 158 18.47 8.39 11.05
CA LEU A 158 17.33 7.51 11.23
C LEU A 158 17.81 6.19 11.80
N ASP A 159 17.13 5.72 12.85
CA ASP A 159 17.36 4.41 13.43
C ASP A 159 16.43 3.36 12.80
N ASP A 160 16.45 2.12 13.30
CA ASP A 160 15.74 1.05 12.64
C ASP A 160 14.25 1.25 12.67
N HIS A 161 13.72 1.83 13.76
CA HIS A 161 12.29 2.08 13.84
C HIS A 161 11.89 3.18 12.91
N GLN A 162 12.73 4.21 12.80
CA GLN A 162 12.42 5.29 11.85
C GLN A 162 12.44 4.78 10.38
N ILE A 163 13.42 3.93 10.05
CA ILE A 163 13.45 3.29 8.70
C ILE A 163 12.21 2.44 8.43
N MSE A 164 11.82 1.62 9.40
CA MSE A 164 10.63 0.76 9.31
C MSE A 164 9.44 1.59 9.08
O MSE A 164 8.61 1.24 8.30
CB MSE A 164 10.47 -0.04 10.60
CG MSE A 164 9.37 -1.04 10.57
SE MSE A 164 9.73 -2.61 9.53
CE MSE A 164 8.49 -2.14 8.19
N GLU A 165 9.34 2.71 9.79
CA GLU A 165 8.19 3.59 9.57
C GLU A 165 8.24 4.26 8.19
N LEU A 166 9.41 4.80 7.85
CA LEU A 166 9.62 5.44 6.54
C LEU A 166 9.18 4.56 5.40
N VAL A 167 9.65 3.31 5.36
CA VAL A 167 9.35 2.48 4.19
C VAL A 167 7.84 2.16 4.09
N GLN A 168 7.18 2.00 5.23
CA GLN A 168 5.73 1.84 5.28
C GLN A 168 4.99 3.07 4.72
N VAL A 169 5.44 4.28 5.09
CA VAL A 169 4.77 5.51 4.66
C VAL A 169 4.94 5.60 3.14
N ILE A 170 6.10 5.29 2.63
CA ILE A 170 6.32 5.36 1.17
C ILE A 170 5.42 4.29 0.50
N GLY A 171 5.43 3.08 1.04
CA GLY A 171 4.57 2.01 0.50
C GLY A 171 3.12 2.39 0.56
N MSE A 172 2.74 2.99 1.68
CA MSE A 172 1.35 3.41 1.85
C MSE A 172 0.81 4.39 0.80
O MSE A 172 -0.32 4.27 0.28
CB MSE A 172 1.14 4.02 3.26
CG MSE A 172 -0.36 4.37 3.51
SE MSE A 172 -1.73 3.04 3.25
CE MSE A 172 -1.65 2.40 4.98
N PHE A 173 1.62 5.39 0.51
CA PHE A 173 1.28 6.34 -0.57
C PHE A 173 1.29 5.73 -1.96
N ASN A 174 2.15 4.72 -2.15
CA ASN A 174 2.03 3.88 -3.37
C ASN A 174 0.76 3.08 -3.44
N LEU A 175 0.25 2.71 -2.28
CA LEU A 175 -1.10 2.13 -2.20
C LEU A 175 -2.20 3.16 -2.40
N THR A 176 -2.22 4.22 -1.59
CA THR A 176 -3.29 5.19 -1.70
C THR A 176 -3.29 5.96 -3.01
N ASN A 177 -2.13 6.32 -3.55
CA ASN A 177 -2.07 6.96 -4.89
C ASN A 177 -2.79 6.13 -5.96
N ARG A 178 -2.56 4.84 -5.90
CA ARG A 178 -3.17 3.91 -6.82
C ARG A 178 -4.65 3.75 -6.66
N VAL A 179 -5.13 3.57 -5.44
CA VAL A 179 -6.56 3.43 -5.20
C VAL A 179 -7.25 4.75 -5.62
N SER A 180 -6.73 5.88 -5.13
CA SER A 180 -7.32 7.22 -5.43
C SER A 180 -7.40 7.54 -6.95
N SER A 181 -6.30 7.28 -7.63
CA SER A 181 -6.24 7.53 -9.09
C SER A 181 -7.11 6.56 -9.89
N ALA A 182 -7.04 5.27 -9.56
CA ALA A 182 -7.82 4.27 -10.26
C ALA A 182 -9.28 4.59 -10.22
N LEU A 183 -9.75 5.09 -9.08
CA LEU A 183 -11.20 5.30 -8.86
C LEU A 183 -11.63 6.79 -8.97
N GLY A 184 -10.74 7.66 -9.44
CA GLY A 184 -11.06 9.06 -9.68
C GLY A 184 -11.53 9.81 -8.44
N PHE A 185 -10.89 9.57 -7.30
CA PHE A 185 -11.27 10.27 -6.08
C PHE A 185 -10.95 11.78 -6.18
N VAL A 186 -11.89 12.60 -5.75
CA VAL A 186 -11.82 14.08 -5.84
C VAL A 186 -11.66 14.67 -4.45
N PRO A 187 -10.61 15.45 -4.23
CA PRO A 187 -10.42 16.00 -2.90
C PRO A 187 -11.36 17.20 -2.65
N ASN A 188 -11.70 17.38 -1.38
CA ASN A 188 -12.61 18.42 -0.97
C ASN A 188 -12.02 19.81 -1.26
N PRO A 189 -12.89 20.76 -1.62
CA PRO A 189 -12.52 22.15 -1.85
C PRO A 189 -11.74 22.74 -0.69
N GLU A 190 -12.10 22.38 0.54
CA GLU A 190 -11.41 22.91 1.71
C GLU A 190 -9.91 22.67 1.73
N TYR A 191 -9.48 21.53 1.23
CA TYR A 191 -8.03 21.25 1.26
C TYR A 191 -7.25 22.30 0.46
N TYR A 192 -7.80 22.76 -0.66
CA TYR A 192 -7.05 23.69 -1.51
C TYR A 192 -6.77 25.02 -0.82
N ARG A 193 -7.65 25.38 0.10
CA ARG A 193 -7.52 26.65 0.79
C ARG A 193 -6.89 26.55 2.18
N GLN A 194 -6.79 25.35 2.74
CA GLN A 194 -6.25 25.17 4.10
C GLN A 194 -4.80 25.61 4.24
N ALA A 195 -4.48 26.18 5.38
CA ALA A 195 -3.08 26.51 5.75
C ALA A 195 -2.35 27.35 4.70
N ARG A 196 -3.11 28.19 4.00
CA ARG A 196 -2.54 29.21 3.13
C ARG A 196 -2.71 30.57 3.81
N ASP B 11 22.24 -16.68 7.06
CA ASP B 11 21.22 -16.71 8.17
C ASP B 11 20.26 -15.48 8.08
N ARG B 12 20.70 -14.42 7.40
CA ARG B 12 20.01 -13.12 7.34
C ARG B 12 18.66 -13.22 6.66
N ILE B 13 17.62 -12.62 7.26
CA ILE B 13 16.32 -12.56 6.59
C ILE B 13 15.85 -11.14 6.36
N SER B 14 16.69 -10.18 6.68
CA SER B 14 16.31 -8.78 6.62
C SER B 14 17.55 -7.93 6.69
N SER B 15 17.46 -6.72 6.12
CA SER B 15 18.48 -5.72 6.25
C SER B 15 18.45 -4.99 7.57
N LEU B 16 17.34 -5.09 8.31
CA LEU B 16 17.29 -4.55 9.66
C LEU B 16 17.39 -5.70 10.67
N PRO B 17 17.78 -5.39 11.92
CA PRO B 17 17.66 -6.38 12.99
C PRO B 17 16.26 -6.93 13.07
N VAL B 18 16.19 -8.22 13.38
CA VAL B 18 14.93 -8.93 13.53
C VAL B 18 14.65 -9.06 15.05
N PRO B 19 13.46 -8.63 15.48
CA PRO B 19 13.12 -8.78 16.89
C PRO B 19 12.84 -10.24 17.25
N ASP B 20 13.29 -10.66 18.42
CA ASP B 20 12.90 -11.96 18.95
C ASP B 20 11.59 -11.86 19.74
N ALA B 21 11.17 -12.99 20.33
CA ALA B 21 9.86 -13.11 21.00
C ALA B 21 9.69 -12.08 22.08
N THR B 22 10.80 -11.73 22.71
CA THR B 22 10.78 -10.78 23.85
C THR B 22 10.61 -9.32 23.41
N GLN B 23 10.80 -9.06 22.12
CA GLN B 23 10.86 -7.71 21.59
C GLN B 23 9.67 -7.38 20.72
N VAL B 24 8.69 -8.25 20.65
CA VAL B 24 7.48 -7.98 19.88
C VAL B 24 6.31 -8.00 20.88
N PRO B 25 5.16 -7.43 20.51
CA PRO B 25 4.01 -7.59 21.40
C PRO B 25 3.46 -9.02 21.41
N GLU B 26 2.63 -9.30 22.41
CA GLU B 26 1.95 -10.59 22.50
C GLU B 26 1.16 -11.00 21.25
N GLY B 27 0.48 -10.04 20.60
CA GLY B 27 -0.28 -10.32 19.38
C GLY B 27 0.58 -10.94 18.28
N VAL B 28 1.81 -10.48 18.18
CA VAL B 28 2.78 -11.02 17.19
C VAL B 28 3.20 -12.45 17.58
N ARG B 29 3.51 -12.66 18.86
CA ARG B 29 3.75 -14.03 19.33
C ARG B 29 2.59 -14.96 19.05
N LYS B 30 1.36 -14.49 19.21
CA LYS B 30 0.19 -15.33 18.93
C LYS B 30 0.07 -15.67 17.43
N LEU B 31 0.42 -14.67 16.61
CA LEU B 31 0.42 -14.87 15.17
C LEU B 31 1.46 -15.90 14.75
N TRP B 32 2.67 -15.79 15.29
CA TRP B 32 3.68 -16.78 15.00
C TRP B 32 3.16 -18.21 15.33
N ALA B 33 2.54 -18.36 16.52
CA ALA B 33 2.03 -19.68 16.94
C ALA B 33 0.95 -20.15 16.00
N LYS B 34 0.05 -19.26 15.59
CA LYS B 34 -1.00 -19.64 14.68
C LYS B 34 -0.41 -20.10 13.34
N ALA B 35 0.57 -19.37 12.82
CA ALA B 35 1.23 -19.75 11.56
C ALA B 35 1.89 -21.11 11.67
N GLU B 36 2.71 -21.28 12.70
CA GLU B 36 3.38 -22.55 12.88
C GLU B 36 2.38 -23.71 12.89
N ALA B 37 1.27 -23.52 13.58
CA ALA B 37 0.23 -24.54 13.70
C ALA B 37 -0.53 -24.77 12.40
N ASN B 38 -0.67 -23.75 11.57
CA ASN B 38 -1.44 -23.90 10.35
C ASN B 38 -0.63 -24.28 9.12
N ILE B 39 0.59 -23.76 9.00
CA ILE B 39 1.38 -23.99 7.80
C ILE B 39 2.67 -24.68 8.10
N GLY B 40 3.01 -24.82 9.37
CA GLY B 40 4.16 -25.59 9.75
C GLY B 40 5.41 -24.82 9.95
N PHE B 41 5.35 -23.51 9.76
CA PHE B 41 6.53 -22.64 9.99
C PHE B 41 6.01 -21.20 10.13
N VAL B 42 6.87 -20.35 10.63
CA VAL B 42 6.58 -18.93 10.77
C VAL B 42 7.13 -18.14 9.55
N PRO B 43 6.23 -17.54 8.75
CA PRO B 43 6.66 -16.67 7.67
C PRO B 43 7.67 -15.66 8.14
N ASN B 44 8.77 -15.53 7.40
CA ASN B 44 9.83 -14.63 7.76
C ASN B 44 9.37 -13.15 7.88
N VAL B 45 8.39 -12.75 7.06
CA VAL B 45 7.88 -11.37 7.15
C VAL B 45 7.28 -11.06 8.52
N PHE B 46 6.73 -12.08 9.19
CA PHE B 46 6.12 -11.90 10.50
C PHE B 46 7.17 -11.57 11.59
N ARG B 47 8.43 -11.91 11.32
CA ARG B 47 9.55 -11.55 12.18
C ARG B 47 10.17 -10.25 11.73
N ALA B 48 10.56 -10.18 10.45
CA ALA B 48 11.34 -9.08 9.96
C ALA B 48 10.56 -7.77 9.97
N GLN B 49 9.26 -7.85 9.69
CA GLN B 49 8.43 -6.67 9.64
C GLN B 49 7.79 -6.32 10.99
N ALA B 50 8.10 -7.08 12.03
CA ALA B 50 7.60 -6.78 13.38
C ALA B 50 8.48 -5.78 14.15
N VAL B 51 9.45 -5.15 13.47
CA VAL B 51 10.29 -4.13 14.06
C VAL B 51 9.44 -3.05 14.76
N ASN B 52 8.39 -2.57 14.11
CA ASN B 52 7.44 -1.63 14.77
C ASN B 52 6.20 -2.45 15.01
N GLY B 53 6.05 -2.92 16.25
CA GLY B 53 5.04 -3.92 16.54
C GLY B 53 3.60 -3.56 16.29
N GLU B 54 3.16 -2.42 16.77
CA GLU B 54 1.75 -2.04 16.58
C GLU B 54 1.43 -1.71 15.11
N GLN B 55 2.36 -1.03 14.43
CA GLN B 55 2.20 -0.84 12.98
C GLN B 55 2.12 -2.17 12.23
N PHE B 56 2.97 -3.13 12.63
CA PHE B 56 2.93 -4.46 12.06
C PHE B 56 1.54 -5.11 12.25
N LEU B 57 1.01 -5.06 13.47
CA LEU B 57 -0.29 -5.68 13.71
C LEU B 57 -1.41 -4.99 12.94
N ALA B 58 -1.32 -3.66 12.76
CA ALA B 58 -2.38 -2.96 11.96
C ALA B 58 -2.28 -3.31 10.48
N TRP B 59 -1.07 -3.41 9.97
CA TRP B 59 -0.84 -3.88 8.61
C TRP B 59 -1.39 -5.26 8.41
N TRP B 60 -1.06 -6.16 9.33
CA TRP B 60 -1.51 -7.55 9.24
C TRP B 60 -3.03 -7.66 9.24
N ASN B 61 -3.70 -6.91 10.12
CA ASN B 61 -5.14 -6.88 10.14
C ASN B 61 -5.77 -6.58 8.79
N TYR B 62 -5.23 -5.58 8.10
CA TYR B 62 -5.74 -5.18 6.80
C TYR B 62 -5.35 -6.19 5.69
N PHE B 63 -4.07 -6.52 5.63
CA PHE B 63 -3.57 -7.50 4.66
C PHE B 63 -4.36 -8.85 4.73
N ASN B 64 -4.52 -9.36 5.93
CA ASN B 64 -5.23 -10.63 6.14
C ASN B 64 -6.65 -10.57 5.67
N LEU B 65 -7.34 -9.49 6.01
CA LEU B 65 -8.69 -9.29 5.56
C LEU B 65 -8.82 -9.21 4.03
N LEU B 66 -7.93 -8.44 3.42
CA LEU B 66 -8.03 -8.14 1.98
C LEU B 66 -7.60 -9.36 1.11
N LEU B 67 -6.58 -10.06 1.56
CA LEU B 67 -5.95 -11.15 0.80
C LEU B 67 -6.41 -12.55 1.20
N ASN B 68 -6.64 -12.78 2.49
CA ASN B 68 -6.88 -14.15 2.98
C ASN B 68 -8.32 -14.44 3.32
N LYS B 69 -9.05 -13.46 3.85
CA LYS B 69 -10.44 -13.67 4.28
C LYS B 69 -11.42 -13.46 3.16
N GLU B 70 -12.64 -13.97 3.35
N GLU B 70 -12.65 -13.90 3.39
CA GLU B 70 -13.64 -13.84 2.29
CA GLU B 70 -13.67 -13.81 2.35
C GLU B 70 -13.82 -12.37 1.90
C GLU B 70 -13.89 -12.36 1.91
N GLY B 71 -13.84 -12.13 0.60
CA GLY B 71 -14.21 -10.81 0.04
C GLY B 71 -14.96 -10.97 -1.26
N TYR B 72 -14.68 -10.14 -2.24
CA TYR B 72 -15.42 -10.11 -3.46
C TYR B 72 -14.74 -10.78 -4.66
N LEU B 73 -13.44 -10.95 -4.57
CA LEU B 73 -12.62 -11.70 -5.54
C LEU B 73 -12.23 -13.05 -4.94
N THR B 74 -11.97 -14.04 -5.78
CA THR B 74 -11.51 -15.32 -5.27
C THR B 74 -10.05 -15.23 -4.86
N ASN B 75 -9.60 -16.18 -4.06
CA ASN B 75 -8.20 -16.26 -3.71
C ASN B 75 -7.33 -16.41 -4.95
N ALA B 76 -7.79 -17.18 -5.94
CA ALA B 76 -7.02 -17.38 -7.18
C ALA B 76 -6.83 -16.05 -7.91
N GLU B 77 -7.90 -15.28 -7.97
CA GLU B 77 -7.90 -13.97 -8.60
C GLU B 77 -6.98 -13.01 -7.86
N ARG B 78 -7.07 -12.96 -6.53
CA ARG B 78 -6.17 -12.12 -5.73
C ARG B 78 -4.72 -12.48 -5.89
N GLU B 79 -4.41 -13.78 -5.85
CA GLU B 79 -3.02 -14.22 -5.99
C GLU B 79 -2.46 -14.03 -7.41
N LEU B 80 -3.32 -14.13 -8.43
CA LEU B 80 -2.92 -13.79 -9.80
C LEU B 80 -2.40 -12.34 -9.82
N VAL B 81 -3.12 -11.45 -9.17
CA VAL B 81 -2.82 -10.03 -9.18
C VAL B 81 -1.52 -9.84 -8.40
N ALA B 82 -1.42 -10.51 -7.25
CA ALA B 82 -0.20 -10.51 -6.44
C ALA B 82 1.03 -10.90 -7.23
N VAL B 83 0.91 -11.95 -8.01
CA VAL B 83 2.03 -12.46 -8.76
C VAL B 83 2.44 -11.49 -9.92
N VAL B 84 1.45 -10.92 -10.60
CA VAL B 84 1.67 -9.94 -11.70
C VAL B 84 2.42 -8.76 -11.14
N VAL B 85 1.87 -8.18 -10.06
CA VAL B 85 2.44 -6.96 -9.45
C VAL B 85 3.86 -7.23 -8.98
N SER B 86 4.05 -8.31 -8.23
CA SER B 86 5.35 -8.60 -7.61
C SER B 86 6.40 -8.91 -8.68
N GLY B 87 5.94 -9.48 -9.79
CA GLY B 87 6.79 -9.75 -10.93
C GLY B 87 7.25 -8.49 -11.63
N VAL B 88 6.33 -7.56 -11.88
CA VAL B 88 6.66 -6.27 -12.50
C VAL B 88 7.67 -5.52 -11.63
N ASN B 89 7.39 -5.45 -10.33
CA ASN B 89 8.30 -4.80 -9.37
C ASN B 89 9.56 -5.56 -8.97
N ARG B 90 9.62 -6.84 -9.34
CA ARG B 90 10.79 -7.71 -9.10
C ARG B 90 11.09 -7.79 -7.64
N CYS B 91 10.05 -8.10 -6.87
CA CYS B 91 10.17 -8.25 -5.42
C CYS B 91 10.32 -9.71 -5.07
N LEU B 92 11.46 -10.11 -4.49
CA LEU B 92 11.74 -11.52 -4.20
C LEU B 92 10.79 -12.12 -3.19
N TYR B 93 10.63 -11.49 -2.03
CA TYR B 93 9.76 -12.05 -0.98
C TYR B 93 8.36 -12.32 -1.49
N CYS B 94 7.76 -11.31 -2.10
CA CYS B 94 6.37 -11.43 -2.54
C CYS B 94 6.20 -12.32 -3.76
N ALA B 95 7.12 -12.25 -4.72
CA ALA B 95 7.03 -13.14 -5.91
C ALA B 95 7.10 -14.62 -5.43
N VAL B 96 8.02 -14.95 -4.54
CA VAL B 96 8.19 -16.32 -4.13
C VAL B 96 6.99 -16.83 -3.29
N SER B 97 6.52 -16.04 -2.32
CA SER B 97 5.55 -16.50 -1.37
C SER B 97 4.20 -16.51 -2.03
N HIS B 98 3.85 -15.46 -2.78
CA HIS B 98 2.58 -15.45 -3.52
C HIS B 98 2.57 -16.37 -4.71
N GLY B 99 3.74 -16.66 -5.25
CA GLY B 99 3.83 -17.73 -6.25
C GLY B 99 3.34 -19.07 -5.70
N ALA B 100 3.82 -19.41 -4.49
CA ALA B 100 3.37 -20.60 -3.74
C ALA B 100 1.84 -20.60 -3.62
N ALA B 101 1.28 -19.46 -3.26
CA ALA B 101 -0.15 -19.32 -3.06
C ALA B 101 -0.88 -19.49 -4.34
N LEU B 102 -0.39 -18.92 -5.44
CA LEU B 102 -1.09 -19.03 -6.69
C LEU B 102 -1.06 -20.47 -7.22
N ARG B 103 0.08 -21.12 -7.04
CA ARG B 103 0.21 -22.54 -7.43
C ARG B 103 -0.85 -23.40 -6.70
N GLU B 104 -1.04 -23.14 -5.42
CA GLU B 104 -2.02 -23.83 -4.57
C GLU B 104 -3.43 -23.54 -5.07
N PHE B 105 -3.78 -22.26 -5.27
CA PHE B 105 -5.14 -21.92 -5.65
C PHE B 105 -5.51 -22.25 -7.07
N LEU B 106 -4.54 -22.27 -7.98
CA LEU B 106 -4.85 -22.70 -9.36
C LEU B 106 -4.80 -24.22 -9.50
N GLY B 107 -4.07 -24.88 -8.60
CA GLY B 107 -3.68 -26.28 -8.77
C GLY B 107 -2.92 -26.56 -10.06
N ASP B 108 -2.13 -25.58 -10.50
CA ASP B 108 -1.43 -25.62 -11.78
C ASP B 108 -0.14 -24.87 -11.61
N PRO B 109 0.94 -25.56 -11.24
CA PRO B 109 2.21 -24.87 -11.06
C PRO B 109 2.72 -24.22 -12.35
N GLN B 110 2.50 -24.85 -13.51
CA GLN B 110 3.09 -24.27 -14.67
C GLN B 110 2.40 -22.97 -15.06
N LYS B 111 1.10 -22.91 -14.95
CA LYS B 111 0.38 -21.67 -15.14
C LYS B 111 0.84 -20.55 -14.21
N ALA B 112 1.03 -20.85 -12.93
CA ALA B 112 1.48 -19.85 -11.98
C ALA B 112 2.87 -19.39 -12.35
N ASP B 113 3.73 -20.33 -12.72
CA ASP B 113 5.09 -19.98 -13.10
C ASP B 113 5.08 -19.08 -14.34
N ALA B 114 4.19 -19.35 -15.30
CA ALA B 114 4.13 -18.54 -16.51
C ALA B 114 3.66 -17.10 -16.18
N VAL B 115 2.66 -17.00 -15.31
CA VAL B 115 2.17 -15.67 -14.88
C VAL B 115 3.30 -14.86 -14.21
N ALA B 116 4.19 -15.53 -13.49
CA ALA B 116 5.30 -14.90 -12.86
C ALA B 116 6.27 -14.22 -13.83
N VAL B 117 6.38 -14.75 -15.03
CA VAL B 117 7.22 -14.16 -16.05
C VAL B 117 6.46 -13.14 -16.88
N ASN B 118 5.36 -13.52 -17.49
CA ASN B 118 4.58 -12.63 -18.37
C ASN B 118 3.19 -13.19 -18.62
N TRP B 119 2.17 -12.55 -17.99
CA TRP B 119 0.78 -12.99 -18.07
C TRP B 119 0.36 -13.02 -19.52
N ARG B 120 0.98 -12.21 -20.37
CA ARG B 120 0.59 -12.14 -21.80
C ARG B 120 0.80 -13.48 -22.50
N HIS B 121 1.71 -14.27 -21.98
CA HIS B 121 2.07 -15.53 -22.57
C HIS B 121 1.59 -16.75 -21.81
N ALA B 122 0.76 -16.57 -20.79
CA ALA B 122 0.34 -17.63 -19.88
C ALA B 122 -1.01 -18.26 -20.25
N ASP B 123 -1.54 -17.92 -21.40
CA ASP B 123 -2.82 -18.50 -21.82
C ASP B 123 -3.90 -18.40 -20.74
N LEU B 124 -4.24 -17.19 -20.35
CA LEU B 124 -5.21 -16.95 -19.29
C LEU B 124 -6.63 -16.81 -19.88
N THR B 125 -7.65 -16.90 -19.04
CA THR B 125 -9.04 -16.60 -19.45
C THR B 125 -9.16 -15.12 -19.74
N GLU B 126 -10.23 -14.75 -20.44
CA GLU B 126 -10.45 -13.32 -20.73
C GLU B 126 -10.50 -12.53 -19.45
N ARG B 127 -11.16 -13.08 -18.43
CA ARG B 127 -11.26 -12.39 -17.15
C ARG B 127 -9.92 -12.22 -16.50
N GLU B 128 -9.10 -13.26 -16.52
CA GLU B 128 -7.78 -13.21 -15.90
C GLU B 128 -6.88 -12.23 -16.64
N GLN B 129 -6.98 -12.21 -17.97
CA GLN B 129 -6.20 -11.25 -18.76
C GLN B 129 -6.58 -9.81 -18.41
N ALA B 130 -7.87 -9.55 -18.17
CA ALA B 130 -8.31 -8.20 -17.81
C ALA B 130 -7.74 -7.78 -16.47
N LEU B 131 -7.79 -8.70 -15.51
CA LEU B 131 -7.23 -8.48 -14.19
C LEU B 131 -5.73 -8.22 -14.24
N ALA B 132 -5.04 -9.09 -14.98
CA ALA B 132 -3.56 -9.00 -15.08
C ALA B 132 -3.13 -7.71 -15.81
N ALA B 133 -3.81 -7.36 -16.90
CA ALA B 133 -3.48 -6.17 -17.66
C ALA B 133 -3.68 -4.90 -16.83
N TYR B 134 -4.79 -4.83 -16.11
CA TYR B 134 -5.05 -3.69 -15.23
C TYR B 134 -4.06 -3.59 -14.05
N ALA B 135 -3.73 -4.74 -13.45
CA ALA B 135 -2.77 -4.78 -12.39
C ALA B 135 -1.44 -4.21 -12.84
N GLU B 136 -1.01 -4.61 -14.03
CA GLU B 136 0.30 -4.14 -14.56
C GLU B 136 0.26 -2.64 -14.87
N LYS B 137 -0.82 -2.16 -15.46
CA LYS B 137 -0.93 -0.75 -15.78
C LYS B 137 -0.96 0.15 -14.56
N LEU B 138 -1.72 -0.26 -13.55
CA LEU B 138 -1.90 0.53 -12.36
C LEU B 138 -0.57 0.53 -11.62
N THR B 139 0.18 -0.57 -11.75
CA THR B 139 1.48 -0.68 -11.10
C THR B 139 2.53 0.16 -11.78
N ARG B 140 2.58 0.13 -13.10
CA ARG B 140 3.61 0.85 -13.85
C ARG B 140 3.29 2.29 -14.11
N HIS B 141 2.01 2.58 -14.38
CA HIS B 141 1.56 3.90 -14.90
C HIS B 141 0.42 4.49 -14.09
N PRO B 142 0.61 4.65 -12.79
CA PRO B 142 -0.49 5.14 -11.94
C PRO B 142 -1.05 6.52 -12.36
N ALA B 143 -0.20 7.38 -12.92
CA ALA B 143 -0.61 8.70 -13.37
C ALA B 143 -1.47 8.63 -14.59
N GLU B 144 -1.47 7.51 -15.32
CA GLU B 144 -2.20 7.46 -16.61
C GLU B 144 -3.48 6.67 -16.61
N VAL B 145 -3.83 6.00 -15.50
CA VAL B 145 -5.10 5.30 -15.45
C VAL B 145 -6.26 6.29 -15.39
N THR B 146 -7.36 5.93 -16.01
CA THR B 146 -8.54 6.76 -15.99
C THR B 146 -9.79 5.88 -15.79
N ALA B 147 -10.94 6.53 -15.74
CA ALA B 147 -12.21 5.81 -15.65
C ALA B 147 -12.40 4.84 -16.81
N ALA B 148 -11.88 5.19 -18.00
CA ALA B 148 -12.00 4.29 -19.18
C ALA B 148 -11.42 2.93 -18.92
N ASP B 149 -10.40 2.86 -18.07
CA ASP B 149 -9.73 1.61 -17.78
C ASP B 149 -10.61 0.66 -16.95
N LEU B 150 -11.68 1.16 -16.35
CA LEU B 150 -12.62 0.30 -15.63
C LEU B 150 -13.56 -0.47 -16.53
N GLU B 151 -13.76 0.02 -17.75
CA GLU B 151 -14.72 -0.58 -18.68
C GLU B 151 -14.40 -2.04 -19.03
N PRO B 152 -13.14 -2.37 -19.36
CA PRO B 152 -12.79 -3.81 -19.54
C PRO B 152 -13.03 -4.69 -18.30
N LEU B 153 -12.91 -4.12 -17.11
CA LEU B 153 -13.18 -4.88 -15.89
C LEU B 153 -14.64 -5.20 -15.81
N ARG B 154 -15.49 -4.20 -16.10
N ARG B 154 -15.49 -4.20 -16.10
CA ARG B 154 -16.93 -4.42 -16.13
CA ARG B 154 -16.93 -4.41 -16.14
C ARG B 154 -17.31 -5.40 -17.22
C ARG B 154 -17.29 -5.42 -17.22
N ALA B 155 -16.60 -5.37 -18.36
CA ALA B 155 -16.89 -6.31 -19.45
C ALA B 155 -16.62 -7.76 -19.11
N VAL B 156 -15.75 -8.03 -18.15
CA VAL B 156 -15.51 -9.42 -17.71
C VAL B 156 -16.31 -9.74 -16.45
N GLY B 157 -17.29 -8.89 -16.13
CA GLY B 157 -18.17 -9.13 -14.99
C GLY B 157 -17.82 -8.62 -13.60
N LEU B 158 -16.86 -7.71 -13.48
CA LEU B 158 -16.53 -7.22 -12.16
C LEU B 158 -17.57 -6.14 -11.82
N ASP B 159 -18.20 -6.29 -10.66
CA ASP B 159 -19.01 -5.22 -10.10
C ASP B 159 -18.22 -4.23 -9.25
N ASP B 160 -18.93 -3.27 -8.70
CA ASP B 160 -18.30 -2.21 -7.91
C ASP B 160 -17.49 -2.67 -6.71
N HIS B 161 -18.00 -3.64 -5.98
CA HIS B 161 -17.27 -4.22 -4.85
C HIS B 161 -16.01 -4.94 -5.31
N GLN B 162 -16.11 -5.68 -6.41
CA GLN B 162 -14.96 -6.37 -7.02
C GLN B 162 -13.89 -5.41 -7.50
N ILE B 163 -14.31 -4.32 -8.13
CA ILE B 163 -13.34 -3.25 -8.55
C ILE B 163 -12.68 -2.64 -7.33
N MSE B 164 -13.47 -2.27 -6.34
CA MSE B 164 -12.95 -1.70 -5.08
C MSE B 164 -11.92 -2.60 -4.43
O MSE B 164 -10.89 -2.15 -3.96
CB MSE B 164 -14.11 -1.48 -4.11
CG MSE B 164 -13.79 -0.82 -2.81
SE MSE B 164 -13.33 1.09 -2.95
CE MSE B 164 -11.48 0.92 -2.62
N GLU B 165 -12.19 -3.89 -4.42
CA GLU B 165 -11.22 -4.84 -3.87
C GLU B 165 -9.94 -4.94 -4.74
N LEU B 166 -10.16 -5.10 -6.03
CA LEU B 166 -9.07 -5.18 -7.00
C LEU B 166 -8.04 -4.05 -6.82
N VAL B 167 -8.50 -2.80 -6.75
CA VAL B 167 -7.61 -1.65 -6.73
C VAL B 167 -6.84 -1.66 -5.44
N GLN B 168 -7.49 -2.07 -4.34
CA GLN B 168 -6.77 -2.23 -3.07
C GLN B 168 -5.71 -3.34 -3.08
N VAL B 169 -6.05 -4.47 -3.70
CA VAL B 169 -5.06 -5.54 -3.86
C VAL B 169 -3.87 -5.06 -4.65
N ILE B 170 -4.09 -4.37 -5.77
CA ILE B 170 -2.95 -3.86 -6.56
C ILE B 170 -2.15 -2.88 -5.71
N GLY B 171 -2.87 -1.97 -5.03
CA GLY B 171 -2.20 -1.06 -4.11
C GLY B 171 -1.36 -1.74 -3.07
N MSE B 172 -1.94 -2.74 -2.44
CA MSE B 172 -1.29 -3.45 -1.35
C MSE B 172 0.00 -4.08 -1.75
O MSE B 172 0.97 -3.99 -1.02
CB MSE B 172 -2.24 -4.54 -0.76
CG MSE B 172 -1.58 -5.32 0.41
SE MSE B 172 -1.00 -4.26 1.88
CE MSE B 172 -2.62 -4.29 2.87
N PHE B 173 0.02 -4.71 -2.93
CA PHE B 173 1.30 -5.26 -3.43
C PHE B 173 2.34 -4.18 -3.81
N ASN B 174 1.88 -3.03 -4.25
CA ASN B 174 2.77 -1.89 -4.43
C ASN B 174 3.32 -1.39 -3.10
N LEU B 175 2.57 -1.57 -2.01
CA LEU B 175 3.09 -1.29 -0.65
C LEU B 175 4.05 -2.41 -0.20
N THR B 176 3.59 -3.65 -0.17
CA THR B 176 4.42 -4.74 0.32
C THR B 176 5.66 -4.98 -0.56
N ASN B 177 5.55 -4.87 -1.89
CA ASN B 177 6.77 -5.00 -2.74
C ASN B 177 7.83 -3.99 -2.29
N ARG B 178 7.42 -2.76 -1.98
CA ARG B 178 8.35 -1.72 -1.55
C ARG B 178 8.92 -1.93 -0.21
N VAL B 179 8.11 -2.29 0.76
CA VAL B 179 8.64 -2.55 2.11
C VAL B 179 9.60 -3.74 2.07
N SER B 180 9.21 -4.83 1.41
CA SER B 180 10.02 -6.06 1.41
C SER B 180 11.32 -5.84 0.64
N SER B 181 11.27 -5.15 -0.50
CA SER B 181 12.51 -4.91 -1.28
C SER B 181 13.36 -3.91 -0.56
N ALA B 182 12.77 -2.85 -0.02
CA ALA B 182 13.57 -1.81 0.67
C ALA B 182 14.38 -2.44 1.79
N LEU B 183 13.79 -3.40 2.50
CA LEU B 183 14.38 -3.96 3.73
C LEU B 183 14.99 -5.36 3.54
N GLY B 184 15.10 -5.79 2.30
CA GLY B 184 15.76 -7.06 1.97
C GLY B 184 15.17 -8.28 2.64
N PHE B 185 13.83 -8.36 2.66
CA PHE B 185 13.14 -9.49 3.27
C PHE B 185 13.40 -10.77 2.41
N VAL B 186 13.72 -11.88 3.08
CA VAL B 186 14.08 -13.16 2.44
C VAL B 186 12.94 -14.21 2.66
N PRO B 187 12.34 -14.73 1.58
CA PRO B 187 11.26 -15.68 1.78
C PRO B 187 11.75 -17.04 2.30
N ASN B 188 10.91 -17.69 3.10
CA ASN B 188 11.25 -18.99 3.65
C ASN B 188 11.50 -20.01 2.53
N PRO B 189 12.46 -20.93 2.73
CA PRO B 189 12.72 -21.98 1.73
C PRO B 189 11.53 -22.80 1.38
N GLU B 190 10.60 -22.95 2.31
CA GLU B 190 9.40 -23.72 2.02
C GLU B 190 8.58 -23.21 0.86
N TYR B 191 8.50 -21.90 0.69
CA TYR B 191 7.67 -21.35 -0.38
C TYR B 191 8.11 -21.81 -1.77
N TYR B 192 9.40 -22.05 -1.96
CA TYR B 192 9.92 -22.40 -3.30
C TYR B 192 9.44 -23.79 -3.72
N ARG B 193 9.16 -24.63 -2.72
CA ARG B 193 8.77 -26.04 -2.91
C ARG B 193 7.25 -26.33 -2.85
N GLN B 194 6.45 -25.43 -2.29
CA GLN B 194 5.04 -25.71 -2.04
C GLN B 194 4.29 -25.80 -3.34
N ALA B 195 3.31 -26.67 -3.35
CA ALA B 195 2.38 -26.79 -4.44
C ALA B 195 3.08 -26.95 -5.77
N ARG B 196 4.18 -27.71 -5.77
CA ARG B 196 4.83 -28.13 -7.01
C ARG B 196 4.69 -29.62 -7.27
C1 MPD C . 10.67 8.99 19.15
C2 MPD C . 10.56 10.47 19.46
O2 MPD C . 9.49 10.61 20.43
CM MPD C . 11.80 11.01 20.16
C3 MPD C . 10.33 11.26 18.17
C4 MPD C . 9.07 10.87 17.40
O4 MPD C . 7.94 11.02 18.26
C5 MPD C . 8.90 11.73 16.15
C1 MPD D . 10.87 27.18 -0.86
C2 MPD D . 11.48 28.19 -1.85
O2 MPD D . 12.74 28.63 -1.31
CM MPD D . 11.82 27.53 -3.18
C3 MPD D . 10.59 29.45 -1.90
C4 MPD D . 10.85 30.47 -3.04
O4 MPD D . 10.20 30.00 -4.22
C5 MPD D . 10.41 31.91 -2.69
C1 MPD E . -17.08 -10.85 3.43
C2 MPD E . -17.72 -9.70 2.65
O2 MPD E . -18.74 -9.16 3.52
CM MPD E . -16.69 -8.62 2.36
C3 MPD E . -18.35 -10.16 1.34
C4 MPD E . -19.55 -11.10 1.51
O4 MPD E . -19.12 -12.42 1.24
C5 MPD E . -20.70 -10.74 0.56
#